data_8AWH
#
_entry.id   8AWH
#
_cell.length_a   77.022
_cell.length_b   87.519
_cell.length_c   99.007
_cell.angle_alpha   90.000
_cell.angle_beta   90.000
_cell.angle_gamma   90.000
#
_symmetry.space_group_name_H-M   'P 21 21 21'
#
loop_
_entity.id
_entity.type
_entity.pdbx_description
1 polymer 'Leukotriene A-4 hydrolase'
2 non-polymer 'ZINC ION'
3 non-polymer 'YTTERBIUM (III) ION'
4 non-polymer 'ACETATE ION'
5 non-polymer IMIDAZOLE
6 non-polymer 4-[4-(phenylmethyl)phenyl]-1,3-selenazol-2-amine
7 non-polymer GLYCEROL
8 water water
#
_entity_poly.entity_id   1
_entity_poly.type   'polypeptide(L)'
_entity_poly.pdbx_seq_one_letter_code
;MHHHHHHPEIVDTCSLASPASVCRTKHLHLRCSVDFTRRTLTGTAALTVQSQEDNLRSLVLDTKDLTIEKVVINGQEVKY
ALGERQSYKGSPMEISLPIALSKNQEIVIEISFETSPKSSALQWLTPEQTSGKEHPYLFSQCQAIHCRAILPCQDTPSVK
LTYTAEVSVPKELVALMSAIRDGETPDPEDPSRKIYKFIQKVPIPCYLIALVVGALESRQIGPRTLVWSEKEQVEKSAYE
FSETESMLKIAEDLGGPYVWGQYDLLVLPPSFPYGGMENPCLTFVTPTLLAGDKSLSNVIAHEISHSWTGNLVTNKTWDH
FWLNEGHTVYLERHICGRLFGEKFRHFNALGGWGELQNSVKTFGETHPFTKLVVDLTDIDPDVAYSSVPYEKGFALLFYL
EQLLGGPEIFLGFLKAYVEKFSYKSITTDDWKDFLYSYFKDKVDVLNQVDWNAWLYSPGLPPIKPNYDMTLTNACIALSQ
RWITAKEDDLNSFNATDLKDLSSHQLNEFLAQTLQRAPLPLGHIKRMQEVYNFNAINNSEIRFRWLRLCIQSKWEDAIPL
ALKMATEQGRMKFTRPLFKDLAAFDKSHDQAVRTYQEHKASMHPVTAMLVGKDLKVD
;
_entity_poly.pdbx_strand_id   A
#
# COMPACT_ATOMS: atom_id res chain seq x y z
N VAL A 11 18.79 9.10 -11.44
CA VAL A 11 19.40 8.01 -10.60
C VAL A 11 18.48 7.72 -9.41
N ASP A 12 18.38 6.45 -9.02
CA ASP A 12 17.53 6.03 -7.88
C ASP A 12 18.42 5.84 -6.65
N THR A 13 18.35 6.79 -5.73
CA THR A 13 19.21 6.85 -4.51
C THR A 13 18.81 5.76 -3.50
N CYS A 14 17.70 5.04 -3.70
CA CYS A 14 17.26 3.94 -2.81
C CYS A 14 17.82 2.60 -3.27
N SER A 15 18.44 2.55 -4.46
CA SER A 15 18.96 1.29 -5.05
C SER A 15 20.49 1.34 -5.08
N LEU A 16 21.13 0.22 -4.81
CA LEU A 16 22.61 0.08 -4.94
C LEU A 16 22.94 -0.62 -6.26
N ALA A 17 21.92 -1.05 -7.03
CA ALA A 17 22.12 -1.86 -8.26
C ALA A 17 22.62 -0.95 -9.39
N SER A 18 23.17 -1.56 -10.43
CA SER A 18 23.41 -0.88 -11.72
C SER A 18 22.12 -0.20 -12.16
N PRO A 19 22.22 1.05 -12.61
CA PRO A 19 21.04 1.76 -13.08
C PRO A 19 20.62 1.31 -14.48
N ALA A 20 19.41 1.71 -14.88
CA ALA A 20 18.77 1.32 -16.15
C ALA A 20 19.61 1.82 -17.34
N SER A 21 20.48 2.81 -17.13
CA SER A 21 21.35 3.40 -18.19
C SER A 21 22.52 2.44 -18.48
N VAL A 22 22.79 1.50 -17.60
CA VAL A 22 23.91 0.53 -17.69
C VAL A 22 23.36 -0.81 -18.19
N CYS A 23 22.36 -1.34 -17.48
CA CYS A 23 21.70 -2.58 -17.95
C CYS A 23 20.27 -2.62 -17.42
N ARG A 24 19.45 -3.46 -18.02
CA ARG A 24 18.00 -3.52 -17.69
C ARG A 24 17.62 -4.98 -17.63
N THR A 25 17.04 -5.39 -16.52
CA THR A 25 16.40 -6.72 -16.41
C THR A 25 15.16 -6.70 -17.32
N LYS A 26 15.04 -7.68 -18.20
CA LYS A 26 13.88 -7.86 -19.10
C LYS A 26 12.90 -8.89 -18.53
N HIS A 27 13.39 -9.90 -17.83
CA HIS A 27 12.59 -11.06 -17.40
C HIS A 27 13.22 -11.68 -16.16
N LEU A 28 12.38 -12.14 -15.25
CA LEU A 28 12.79 -12.99 -14.12
C LEU A 28 12.11 -14.34 -14.31
N HIS A 29 12.87 -15.43 -14.18
CA HIS A 29 12.29 -16.78 -14.02
C HIS A 29 12.69 -17.24 -12.63
N LEU A 30 11.71 -17.31 -11.72
CA LEU A 30 11.90 -17.68 -10.31
C LEU A 30 11.49 -19.14 -10.14
N ARG A 31 12.39 -19.96 -9.63
CA ARG A 31 12.07 -21.35 -9.21
C ARG A 31 12.43 -21.43 -7.75
N CYS A 32 11.46 -21.59 -6.87
CA CYS A 32 11.76 -21.60 -5.44
C CYS A 32 10.86 -22.54 -4.67
N SER A 33 11.31 -22.86 -3.48
CA SER A 33 10.63 -23.76 -2.54
C SER A 33 10.44 -22.99 -1.24
N VAL A 34 9.22 -23.07 -0.70
CA VAL A 34 8.83 -22.39 0.56
C VAL A 34 9.01 -23.41 1.66
N ASP A 35 9.99 -23.18 2.52
CA ASP A 35 10.33 -24.07 3.66
C ASP A 35 9.82 -23.44 4.94
N PHE A 36 8.68 -23.90 5.43
CA PHE A 36 8.04 -23.37 6.66
C PHE A 36 8.82 -23.78 7.91
N THR A 37 9.50 -24.93 7.91
CA THR A 37 10.34 -25.33 9.08
C THR A 37 11.50 -24.35 9.25
N ARG A 38 12.15 -23.92 8.17
CA ARG A 38 13.32 -22.99 8.28
C ARG A 38 12.91 -21.53 8.08
N ARG A 39 11.66 -21.27 7.67
CA ARG A 39 11.18 -19.89 7.33
C ARG A 39 12.12 -19.29 6.28
N THR A 40 12.39 -20.04 5.23
CA THR A 40 13.21 -19.54 4.12
C THR A 40 12.52 -19.87 2.80
N LEU A 41 12.72 -19.00 1.83
N LEU A 41 12.68 -18.98 1.82
CA LEU A 41 12.49 -19.25 0.39
CA LEU A 41 12.51 -19.29 0.38
C LEU A 41 13.85 -19.63 -0.21
C LEU A 41 13.88 -19.66 -0.18
N THR A 42 13.97 -20.78 -0.86
CA THR A 42 15.24 -21.22 -1.47
C THR A 42 15.01 -21.47 -2.93
N GLY A 43 15.89 -20.98 -3.77
CA GLY A 43 15.81 -21.42 -5.17
C GLY A 43 16.75 -20.65 -6.06
N THR A 44 16.29 -20.42 -7.28
CA THR A 44 17.05 -19.74 -8.33
C THR A 44 16.22 -18.62 -8.89
N ALA A 45 16.85 -17.46 -9.01
CA ALA A 45 16.35 -16.28 -9.76
C ALA A 45 17.16 -16.20 -11.05
N ALA A 46 16.55 -16.48 -12.18
CA ALA A 46 17.22 -16.34 -13.47
C ALA A 46 16.81 -15.00 -14.04
N LEU A 47 17.74 -14.06 -14.12
CA LEU A 47 17.52 -12.72 -14.67
C LEU A 47 18.00 -12.68 -16.11
N THR A 48 17.12 -12.35 -17.04
CA THR A 48 17.48 -11.98 -18.41
C THR A 48 17.83 -10.50 -18.39
N VAL A 49 19.10 -10.19 -18.57
CA VAL A 49 19.60 -8.80 -18.47
C VAL A 49 20.06 -8.35 -19.86
N GLN A 50 19.67 -7.14 -20.24
CA GLN A 50 20.08 -6.48 -21.49
C GLN A 50 21.10 -5.39 -21.17
N SER A 51 22.30 -5.45 -21.77
CA SER A 51 23.27 -4.35 -21.67
C SER A 51 22.72 -3.10 -22.38
N GLN A 52 22.94 -1.92 -21.80
CA GLN A 52 22.66 -0.63 -22.49
C GLN A 52 24.00 0.01 -22.86
N GLU A 53 25.12 -0.66 -22.63
CA GLU A 53 26.43 -0.07 -22.98
C GLU A 53 27.33 -1.06 -23.72
N ASP A 54 28.31 -0.49 -24.37
CA ASP A 54 29.36 -1.30 -25.03
C ASP A 54 30.28 -1.93 -24.00
N ASN A 55 30.79 -3.12 -24.26
CA ASN A 55 31.87 -3.72 -23.46
C ASN A 55 31.49 -3.82 -21.97
N LEU A 56 30.28 -4.30 -21.68
CA LEU A 56 29.83 -4.44 -20.28
C LEU A 56 30.42 -5.71 -19.68
N ARG A 57 31.09 -5.61 -18.54
CA ARG A 57 31.79 -6.80 -18.00
C ARG A 57 31.38 -7.14 -16.57
N SER A 58 30.60 -6.30 -15.91
CA SER A 58 30.07 -6.60 -14.57
C SER A 58 28.78 -5.82 -14.38
N LEU A 59 28.03 -6.21 -13.38
CA LEU A 59 26.86 -5.42 -12.97
C LEU A 59 26.57 -5.70 -11.51
N VAL A 60 25.73 -4.85 -10.96
CA VAL A 60 25.48 -4.85 -9.50
C VAL A 60 23.99 -5.01 -9.28
N LEU A 61 23.68 -5.90 -8.35
CA LEU A 61 22.28 -6.12 -7.95
C LEU A 61 22.09 -5.74 -6.48
N ASP A 62 20.86 -5.42 -6.15
CA ASP A 62 20.41 -5.19 -4.75
C ASP A 62 20.15 -6.56 -4.10
N THR A 63 20.48 -6.66 -2.82
CA THR A 63 20.15 -7.84 -1.99
C THR A 63 19.98 -7.33 -0.57
N LYS A 64 19.24 -8.07 0.25
CA LYS A 64 19.11 -7.71 1.68
C LYS A 64 18.89 -8.98 2.49
N ASP A 65 19.87 -9.32 3.32
CA ASP A 65 19.84 -10.55 4.16
C ASP A 65 19.64 -11.79 3.32
N LEU A 66 20.21 -11.83 2.11
CA LEU A 66 20.13 -13.03 1.24
C LEU A 66 21.41 -13.85 1.43
N THR A 67 21.26 -15.14 1.46
CA THR A 67 22.41 -16.07 1.34
C THR A 67 22.59 -16.43 -0.13
N ILE A 68 23.77 -16.16 -0.69
CA ILE A 68 24.06 -16.52 -2.12
C ILE A 68 24.88 -17.80 -2.11
N GLU A 69 24.35 -18.85 -2.74
CA GLU A 69 25.08 -20.13 -2.91
C GLU A 69 26.03 -20.02 -4.12
N LYS A 70 25.54 -19.54 -5.27
CA LYS A 70 26.35 -19.46 -6.51
C LYS A 70 25.63 -18.63 -7.58
N VAL A 71 26.40 -18.25 -8.57
CA VAL A 71 25.90 -17.49 -9.74
C VAL A 71 26.39 -18.20 -10.99
N VAL A 72 25.48 -18.54 -11.88
CA VAL A 72 25.79 -19.39 -13.05
C VAL A 72 25.37 -18.63 -14.29
N ILE A 73 26.29 -18.48 -15.24
CA ILE A 73 26.06 -17.87 -16.58
C ILE A 73 26.64 -18.85 -17.63
N ASN A 74 25.84 -19.20 -18.64
CA ASN A 74 26.30 -20.06 -19.76
C ASN A 74 26.81 -21.39 -19.19
N GLY A 75 26.20 -21.86 -18.11
CA GLY A 75 26.45 -23.20 -17.53
C GLY A 75 27.67 -23.24 -16.64
N GLN A 76 28.37 -22.13 -16.42
CA GLN A 76 29.53 -22.12 -15.50
C GLN A 76 29.33 -21.15 -14.34
N GLU A 77 29.90 -21.47 -13.19
CA GLU A 77 29.90 -20.58 -12.01
C GLU A 77 30.81 -19.39 -12.28
N VAL A 78 30.37 -18.21 -11.88
CA VAL A 78 31.11 -16.93 -12.10
C VAL A 78 31.39 -16.30 -10.76
N LYS A 79 32.33 -15.36 -10.77
CA LYS A 79 32.78 -14.64 -9.57
C LYS A 79 31.70 -13.57 -9.26
N TYR A 80 31.42 -13.41 -7.97
CA TYR A 80 30.53 -12.35 -7.45
C TYR A 80 31.09 -11.93 -6.09
N ALA A 81 30.75 -10.73 -5.63
CA ALA A 81 31.14 -10.25 -4.29
C ALA A 81 29.96 -9.48 -3.70
N LEU A 82 29.73 -9.67 -2.41
CA LEU A 82 28.75 -8.85 -1.64
C LEU A 82 29.49 -7.70 -0.96
N GLY A 83 29.06 -6.46 -1.19
CA GLY A 83 29.55 -5.26 -0.50
C GLY A 83 29.10 -5.26 0.97
N GLU A 84 29.67 -4.35 1.74
CA GLU A 84 29.25 -3.99 3.12
C GLU A 84 27.76 -3.62 3.09
N ARG A 85 27.02 -4.01 4.10
CA ARG A 85 25.61 -3.62 4.23
C ARG A 85 25.50 -2.11 4.43
N GLN A 86 24.52 -1.49 3.76
CA GLN A 86 24.20 -0.05 3.88
C GLN A 86 22.82 0.07 4.55
N SER A 87 22.73 -0.39 5.79
CA SER A 87 21.50 -0.25 6.60
C SER A 87 20.31 -0.84 5.81
N TYR A 88 19.21 -0.09 5.70
CA TYR A 88 17.91 -0.57 5.13
C TYR A 88 18.05 -0.83 3.62
N LYS A 89 19.09 -0.30 2.96
CA LYS A 89 19.30 -0.54 1.51
C LYS A 89 19.85 -1.95 1.26
N GLY A 90 20.40 -2.60 2.27
CA GLY A 90 21.02 -3.92 2.12
C GLY A 90 22.43 -3.86 1.56
N SER A 91 22.84 -4.95 0.92
CA SER A 91 24.21 -5.19 0.42
C SER A 91 24.21 -5.27 -1.10
N PRO A 92 25.08 -4.50 -1.77
CA PRO A 92 25.23 -4.62 -3.22
C PRO A 92 25.94 -5.92 -3.57
N MET A 93 25.49 -6.53 -4.65
CA MET A 93 26.08 -7.79 -5.13
C MET A 93 26.67 -7.53 -6.51
N GLU A 94 27.99 -7.50 -6.63
CA GLU A 94 28.64 -7.28 -7.94
C GLU A 94 28.93 -8.61 -8.61
N ILE A 95 28.53 -8.76 -9.87
CA ILE A 95 28.68 -10.03 -10.63
C ILE A 95 29.62 -9.79 -11.82
N SER A 96 30.66 -10.62 -11.97
CA SER A 96 31.65 -10.53 -13.09
C SER A 96 31.11 -11.35 -14.24
N LEU A 97 30.85 -10.73 -15.40
CA LEU A 97 30.31 -11.49 -16.55
C LEU A 97 31.42 -12.35 -17.16
N PRO A 98 31.16 -13.58 -17.64
CA PRO A 98 32.19 -14.40 -18.25
C PRO A 98 32.69 -13.81 -19.58
N ILE A 99 31.82 -13.07 -20.30
N ILE A 99 31.84 -13.07 -20.31
CA ILE A 99 32.15 -12.44 -21.61
CA ILE A 99 32.20 -12.44 -21.61
C ILE A 99 31.56 -11.04 -21.68
C ILE A 99 31.57 -11.05 -21.70
N ALA A 100 32.32 -10.06 -22.18
CA ALA A 100 31.86 -8.67 -22.38
C ALA A 100 30.65 -8.64 -23.31
N LEU A 101 29.64 -7.85 -22.96
CA LEU A 101 28.41 -7.66 -23.77
C LEU A 101 28.50 -6.37 -24.58
N SER A 102 28.00 -6.40 -25.80
N SER A 102 27.99 -6.44 -25.81
CA SER A 102 27.80 -5.17 -26.59
CA SER A 102 27.72 -5.26 -26.67
C SER A 102 26.41 -4.63 -26.26
C SER A 102 26.40 -4.64 -26.24
N LYS A 103 26.12 -3.43 -26.73
CA LYS A 103 24.88 -2.73 -26.44
C LYS A 103 23.72 -3.57 -26.99
N ASN A 104 22.71 -3.79 -26.15
CA ASN A 104 21.45 -4.51 -26.48
C ASN A 104 21.60 -6.03 -26.43
N GLN A 105 22.81 -6.55 -26.19
N GLN A 105 22.80 -6.55 -26.16
CA GLN A 105 23.04 -8.00 -25.99
CA GLN A 105 22.97 -8.00 -25.99
C GLN A 105 22.38 -8.41 -24.66
C GLN A 105 22.37 -8.42 -24.65
N GLU A 106 21.82 -9.62 -24.65
CA GLU A 106 21.16 -10.21 -23.47
C GLU A 106 21.91 -11.42 -22.99
N ILE A 107 21.90 -11.62 -21.69
CA ILE A 107 22.36 -12.88 -21.07
C ILE A 107 21.38 -13.24 -19.98
N VAL A 108 21.48 -14.50 -19.56
CA VAL A 108 20.67 -15.03 -18.46
C VAL A 108 21.61 -15.29 -17.29
N ILE A 109 21.33 -14.66 -16.16
CA ILE A 109 22.15 -14.83 -14.94
C ILE A 109 21.30 -15.62 -13.94
N GLU A 110 21.75 -16.82 -13.58
CA GLU A 110 20.98 -17.70 -12.68
C GLU A 110 21.62 -17.63 -11.28
N ILE A 111 20.92 -17.06 -10.31
CA ILE A 111 21.47 -16.90 -8.94
C ILE A 111 20.76 -17.85 -8.00
N SER A 112 21.52 -18.71 -7.32
CA SER A 112 21.04 -19.64 -6.27
C SER A 112 21.14 -18.92 -4.93
N PHE A 113 20.01 -18.81 -4.23
CA PHE A 113 19.89 -17.94 -3.05
C PHE A 113 18.91 -18.58 -2.07
N GLU A 114 19.00 -18.10 -0.85
CA GLU A 114 18.03 -18.40 0.22
C GLU A 114 17.72 -17.10 0.98
N THR A 115 16.48 -16.92 1.42
CA THR A 115 16.10 -15.73 2.20
C THR A 115 16.46 -15.98 3.67
N SER A 116 16.59 -14.89 4.42
CA SER A 116 16.63 -14.92 5.91
C SER A 116 15.21 -15.07 6.45
N PRO A 117 15.02 -15.83 7.58
CA PRO A 117 13.77 -15.77 8.32
C PRO A 117 13.36 -14.35 8.69
N LYS A 118 14.32 -13.44 8.82
N LYS A 118 14.31 -13.42 8.84
CA LYS A 118 14.08 -12.01 9.21
CA LYS A 118 14.02 -12.01 9.21
C LYS A 118 13.88 -11.13 7.96
C LYS A 118 13.79 -11.14 7.98
N SER A 119 13.72 -11.69 6.76
CA SER A 119 13.45 -10.91 5.52
C SER A 119 12.37 -9.84 5.83
N SER A 120 12.66 -8.57 5.58
CA SER A 120 11.68 -7.48 5.79
C SER A 120 10.53 -7.56 4.77
N ALA A 121 10.65 -8.35 3.70
CA ALA A 121 9.61 -8.55 2.67
C ALA A 121 8.49 -9.47 3.14
N LEU A 122 8.77 -10.36 4.11
CA LEU A 122 7.98 -11.56 4.40
C LEU A 122 7.44 -11.50 5.82
N GLN A 123 6.22 -11.99 6.00
CA GLN A 123 5.77 -12.44 7.35
C GLN A 123 5.42 -13.93 7.27
N TRP A 124 6.01 -14.69 8.19
CA TRP A 124 5.76 -16.14 8.40
C TRP A 124 4.83 -16.30 9.60
N LEU A 125 3.68 -16.94 9.39
CA LEU A 125 2.69 -17.17 10.47
C LEU A 125 2.70 -18.64 10.84
N THR A 126 2.68 -18.91 12.14
CA THR A 126 2.41 -20.25 12.68
C THR A 126 0.92 -20.54 12.51
N PRO A 127 0.51 -21.82 12.58
CA PRO A 127 -0.89 -22.20 12.51
C PRO A 127 -1.77 -21.40 13.49
N GLU A 128 -1.27 -21.18 14.70
N GLU A 128 -1.30 -21.23 14.72
CA GLU A 128 -1.96 -20.49 15.80
CA GLU A 128 -1.97 -20.46 15.81
C GLU A 128 -2.29 -19.05 15.37
C GLU A 128 -2.34 -19.05 15.31
N GLN A 129 -1.54 -18.47 14.42
CA GLN A 129 -1.72 -17.06 13.97
C GLN A 129 -2.70 -16.94 12.79
N THR A 130 -3.25 -18.05 12.33
CA THR A 130 -4.17 -18.12 11.17
C THR A 130 -5.62 -18.31 11.63
N SER A 131 -6.59 -18.12 10.73
CA SER A 131 -8.01 -18.43 11.01
C SER A 131 -8.19 -19.93 11.31
N GLY A 132 -7.58 -20.81 10.52
CA GLY A 132 -7.92 -22.25 10.50
C GLY A 132 -7.21 -23.00 11.60
N LYS A 133 -6.06 -22.49 12.07
CA LYS A 133 -5.25 -23.03 13.19
C LYS A 133 -4.57 -24.36 12.85
N GLU A 134 -4.63 -24.84 11.62
CA GLU A 134 -4.04 -26.16 11.25
C GLU A 134 -2.77 -25.95 10.43
N HIS A 135 -2.72 -24.92 9.59
CA HIS A 135 -1.65 -24.72 8.59
C HIS A 135 -0.97 -23.37 8.83
N PRO A 136 0.35 -23.27 8.47
CA PRO A 136 1.09 -22.02 8.55
C PRO A 136 0.70 -21.18 7.31
N TYR A 137 1.26 -19.98 7.22
CA TYR A 137 0.90 -18.98 6.18
C TYR A 137 2.13 -18.10 5.95
N LEU A 138 2.34 -17.70 4.71
CA LEU A 138 3.40 -16.74 4.34
C LEU A 138 2.78 -15.68 3.44
N PHE A 139 3.13 -14.42 3.62
CA PHE A 139 2.85 -13.42 2.57
C PHE A 139 4.01 -12.42 2.47
N SER A 140 4.12 -11.85 1.27
CA SER A 140 5.12 -10.83 0.95
C SER A 140 4.47 -9.46 0.86
N GLN A 141 5.30 -8.44 0.98
N GLN A 141 5.32 -8.44 0.95
CA GLN A 141 4.93 -7.04 0.67
CA GLN A 141 4.96 -7.02 0.75
C GLN A 141 6.23 -6.36 0.27
C GLN A 141 6.24 -6.34 0.28
N CYS A 142 6.40 -6.08 -1.02
CA CYS A 142 7.68 -5.61 -1.55
C CYS A 142 7.76 -4.09 -1.55
N GLN A 143 6.64 -3.37 -1.62
CA GLN A 143 6.73 -1.89 -1.74
C GLN A 143 7.25 -1.29 -0.43
N ALA A 144 8.20 -0.37 -0.48
CA ALA A 144 8.86 0.17 -1.65
C ALA A 144 10.06 -0.68 -2.10
N ILE A 145 10.97 -1.01 -1.17
CA ILE A 145 12.30 -1.57 -1.54
C ILE A 145 12.55 -2.84 -0.71
N HIS A 146 11.57 -3.74 -0.64
CA HIS A 146 11.74 -5.04 0.01
C HIS A 146 11.89 -6.19 -0.96
N CYS A 147 11.67 -6.03 -2.28
CA CYS A 147 11.93 -7.14 -3.22
C CYS A 147 13.37 -7.69 -3.05
N ARG A 148 14.34 -6.81 -2.76
CA ARG A 148 15.77 -7.21 -2.61
C ARG A 148 15.92 -8.15 -1.40
N ALA A 149 14.93 -8.20 -0.48
CA ALA A 149 14.93 -9.11 0.66
C ALA A 149 14.26 -10.44 0.33
N ILE A 150 13.75 -10.62 -0.90
CA ILE A 150 13.29 -11.93 -1.42
C ILE A 150 14.28 -12.49 -2.45
N LEU A 151 14.77 -11.65 -3.35
CA LEU A 151 15.65 -12.15 -4.43
C LEU A 151 16.57 -11.03 -4.88
N PRO A 152 17.73 -11.39 -5.46
CA PRO A 152 18.61 -10.40 -6.04
C PRO A 152 17.99 -9.76 -7.28
N CYS A 153 18.03 -8.43 -7.38
CA CYS A 153 17.32 -7.71 -8.47
C CYS A 153 17.81 -6.28 -8.54
N GLN A 154 17.48 -5.59 -9.64
CA GLN A 154 17.61 -4.13 -9.73
C GLN A 154 16.36 -3.55 -9.06
N ASP A 155 16.45 -3.29 -7.76
CA ASP A 155 15.26 -3.03 -6.92
C ASP A 155 14.95 -1.54 -7.02
N THR A 156 14.44 -1.14 -8.16
CA THR A 156 14.15 0.26 -8.52
C THR A 156 12.97 0.23 -9.45
N PRO A 157 11.97 1.11 -9.29
CA PRO A 157 10.83 1.12 -10.21
C PRO A 157 11.14 1.70 -11.59
N SER A 158 12.40 2.10 -11.82
CA SER A 158 12.88 2.63 -13.13
C SER A 158 13.05 1.49 -14.14
N VAL A 159 13.04 0.23 -13.69
CA VAL A 159 13.23 -0.99 -14.51
C VAL A 159 11.93 -1.81 -14.44
N LYS A 160 11.41 -2.23 -15.58
CA LYS A 160 10.19 -3.06 -15.71
C LYS A 160 10.55 -4.35 -16.43
N LEU A 161 10.10 -5.45 -15.84
CA LEU A 161 10.37 -6.80 -16.35
C LEU A 161 9.09 -7.62 -16.36
N THR A 162 9.06 -8.64 -17.20
CA THR A 162 8.03 -9.71 -17.14
C THR A 162 8.57 -10.77 -16.18
N TYR A 163 7.74 -11.68 -15.70
CA TYR A 163 8.26 -12.81 -14.93
C TYR A 163 7.44 -14.07 -15.12
N THR A 164 8.12 -15.19 -14.86
CA THR A 164 7.51 -16.53 -14.75
C THR A 164 7.99 -17.06 -13.43
N ALA A 165 7.26 -17.96 -12.80
CA ALA A 165 7.65 -18.54 -11.51
C ALA A 165 7.09 -19.95 -11.38
N GLU A 166 7.83 -20.75 -10.61
CA GLU A 166 7.43 -22.11 -10.20
C GLU A 166 7.72 -22.17 -8.72
N VAL A 167 6.70 -22.38 -7.91
CA VAL A 167 6.83 -22.31 -6.43
C VAL A 167 6.41 -23.66 -5.86
N SER A 168 7.33 -24.34 -5.19
CA SER A 168 7.08 -25.62 -4.50
C SER A 168 6.61 -25.35 -3.09
N VAL A 169 5.45 -25.91 -2.72
CA VAL A 169 4.90 -25.74 -1.35
C VAL A 169 4.39 -27.09 -0.86
N PRO A 170 4.15 -27.23 0.46
CA PRO A 170 3.46 -28.40 0.99
C PRO A 170 2.14 -28.57 0.23
N LYS A 171 1.83 -29.81 -0.17
CA LYS A 171 0.76 -30.12 -1.13
C LYS A 171 -0.59 -29.69 -0.57
N GLU A 172 -0.75 -29.57 0.75
CA GLU A 172 -2.06 -29.21 1.34
C GLU A 172 -2.30 -27.70 1.13
N LEU A 173 -1.29 -26.92 0.73
CA LEU A 173 -1.40 -25.44 0.66
C LEU A 173 -1.48 -24.95 -0.80
N VAL A 174 -1.81 -23.67 -0.95
CA VAL A 174 -2.00 -22.97 -2.25
C VAL A 174 -1.00 -21.82 -2.29
N ALA A 175 -0.27 -21.67 -3.40
CA ALA A 175 0.55 -20.48 -3.67
C ALA A 175 -0.22 -19.63 -4.66
N LEU A 176 -0.12 -18.30 -4.49
CA LEU A 176 -0.62 -17.33 -5.47
C LEU A 176 0.46 -16.27 -5.61
N MET A 177 0.46 -15.63 -6.76
CA MET A 177 1.41 -14.55 -7.08
C MET A 177 0.70 -13.47 -7.89
N SER A 178 1.38 -12.32 -8.06
CA SER A 178 0.92 -11.16 -8.84
C SER A 178 1.08 -11.45 -10.34
N ALA A 179 0.35 -12.45 -10.78
CA ALA A 179 0.54 -13.11 -12.08
C ALA A 179 -0.66 -13.99 -12.39
N ILE A 180 -0.75 -14.43 -13.64
CA ILE A 180 -1.80 -15.36 -14.11
C ILE A 180 -1.36 -16.76 -13.66
N ARG A 181 -2.29 -17.49 -13.05
CA ARG A 181 -2.05 -18.90 -12.64
C ARG A 181 -1.83 -19.70 -13.91
N ASP A 182 -0.77 -20.50 -13.95
CA ASP A 182 -0.32 -21.16 -15.19
C ASP A 182 -0.17 -22.67 -14.94
N GLY A 183 -0.90 -23.21 -13.97
CA GLY A 183 -0.96 -24.68 -13.73
C GLY A 183 -0.36 -25.09 -12.41
N GLU A 184 -0.58 -26.36 -12.04
CA GLU A 184 -0.07 -26.94 -10.78
C GLU A 184 0.21 -28.41 -11.04
N THR A 185 1.25 -28.95 -10.44
CA THR A 185 1.58 -30.39 -10.56
C THR A 185 2.23 -30.86 -9.27
N PRO A 186 2.23 -32.18 -9.00
CA PRO A 186 3.03 -32.71 -7.91
C PRO A 186 4.48 -32.29 -8.18
N ASP A 187 5.24 -32.05 -7.11
CA ASP A 187 6.67 -31.73 -7.20
C ASP A 187 7.38 -33.05 -7.51
N PRO A 188 8.02 -33.20 -8.70
CA PRO A 188 8.70 -34.46 -9.02
C PRO A 188 9.88 -34.76 -8.09
N GLU A 189 10.45 -33.75 -7.42
CA GLU A 189 11.53 -33.90 -6.42
C GLU A 189 10.97 -34.35 -5.06
N ASP A 190 9.64 -34.29 -4.82
CA ASP A 190 9.05 -34.50 -3.47
C ASP A 190 7.52 -34.62 -3.56
N PRO A 191 6.97 -35.85 -3.42
CA PRO A 191 5.53 -36.07 -3.56
C PRO A 191 4.73 -35.50 -2.38
N SER A 192 5.36 -34.99 -1.33
CA SER A 192 4.68 -34.25 -0.23
C SER A 192 4.45 -32.77 -0.64
N ARG A 193 4.84 -32.38 -1.86
CA ARG A 193 4.86 -30.97 -2.29
C ARG A 193 4.18 -30.85 -3.65
N LYS A 194 3.78 -29.64 -3.94
CA LYS A 194 3.10 -29.28 -5.18
C LYS A 194 3.81 -28.04 -5.73
N ILE A 195 3.89 -27.97 -7.04
CA ILE A 195 4.49 -26.83 -7.74
C ILE A 195 3.34 -26.04 -8.38
N TYR A 196 3.26 -24.76 -8.05
CA TYR A 196 2.33 -23.83 -8.70
C TYR A 196 3.09 -22.93 -9.64
N LYS A 197 2.57 -22.72 -10.85
CA LYS A 197 3.25 -21.97 -11.91
C LYS A 197 2.51 -20.68 -12.19
N PHE A 198 3.23 -19.66 -12.61
CA PHE A 198 2.69 -18.29 -12.77
C PHE A 198 3.31 -17.64 -13.97
N ILE A 199 2.58 -16.75 -14.65
CA ILE A 199 3.15 -15.92 -15.74
C ILE A 199 2.60 -14.50 -15.63
N GLN A 200 3.53 -13.53 -15.60
CA GLN A 200 3.23 -12.11 -15.71
C GLN A 200 3.80 -11.61 -17.03
N LYS A 201 2.94 -11.47 -18.05
N LYS A 201 2.94 -11.46 -18.04
CA LYS A 201 3.36 -11.09 -19.43
CA LYS A 201 3.34 -11.10 -19.43
C LYS A 201 3.43 -9.57 -19.59
C LYS A 201 3.40 -9.57 -19.60
N VAL A 202 2.90 -8.80 -18.64
CA VAL A 202 2.99 -7.31 -18.73
C VAL A 202 4.20 -6.87 -17.93
N PRO A 203 5.11 -6.05 -18.49
CA PRO A 203 6.31 -5.64 -17.74
C PRO A 203 5.87 -4.80 -16.53
N ILE A 204 6.46 -5.12 -15.37
CA ILE A 204 6.19 -4.50 -14.06
C ILE A 204 7.51 -4.13 -13.39
N PRO A 205 7.47 -3.09 -12.53
CA PRO A 205 8.54 -2.83 -11.60
C PRO A 205 8.54 -3.98 -10.58
N CYS A 206 9.69 -4.32 -10.04
CA CYS A 206 9.80 -5.48 -9.13
C CYS A 206 9.06 -5.26 -7.79
N TYR A 207 8.72 -4.05 -7.37
CA TYR A 207 7.97 -3.86 -6.10
C TYR A 207 6.57 -4.49 -6.23
N LEU A 208 6.11 -4.83 -7.43
CA LEU A 208 4.80 -5.46 -7.66
C LEU A 208 4.88 -6.99 -7.66
N ILE A 209 6.06 -7.58 -7.46
CA ILE A 209 6.18 -9.05 -7.30
C ILE A 209 5.56 -9.39 -5.94
N ALA A 210 4.76 -10.44 -5.89
CA ALA A 210 4.08 -10.81 -4.63
C ALA A 210 3.88 -12.32 -4.62
N LEU A 211 3.90 -12.84 -3.40
CA LEU A 211 3.71 -14.29 -3.12
C LEU A 211 2.90 -14.44 -1.83
N VAL A 212 1.91 -15.33 -1.86
CA VAL A 212 1.24 -15.81 -0.63
C VAL A 212 1.22 -17.34 -0.69
N VAL A 213 1.34 -17.98 0.46
CA VAL A 213 1.22 -19.45 0.58
C VAL A 213 0.40 -19.73 1.82
N GLY A 214 -0.68 -20.47 1.68
CA GLY A 214 -1.56 -20.77 2.83
C GLY A 214 -2.68 -21.68 2.45
N ALA A 215 -3.57 -21.92 3.41
CA ALA A 215 -4.76 -22.77 3.21
C ALA A 215 -5.85 -21.86 2.67
N LEU A 216 -5.75 -21.55 1.39
CA LEU A 216 -6.61 -20.57 0.70
C LEU A 216 -7.73 -21.27 -0.06
N GLU A 217 -8.89 -20.64 -0.11
CA GLU A 217 -10.06 -21.06 -0.91
C GLU A 217 -10.46 -19.85 -1.74
N SER A 218 -11.22 -20.08 -2.79
CA SER A 218 -11.62 -18.99 -3.71
C SER A 218 -13.12 -19.06 -3.90
N ARG A 219 -13.69 -17.91 -4.20
CA ARG A 219 -15.08 -17.78 -4.63
C ARG A 219 -15.12 -16.77 -5.76
N GLN A 220 -15.79 -17.10 -6.84
CA GLN A 220 -15.98 -16.16 -7.96
C GLN A 220 -16.99 -15.09 -7.56
N ILE A 221 -16.69 -13.83 -7.83
CA ILE A 221 -17.62 -12.71 -7.53
C ILE A 221 -17.83 -11.85 -8.76
N GLY A 222 -17.13 -12.11 -9.86
CA GLY A 222 -17.43 -11.43 -11.12
C GLY A 222 -16.79 -12.17 -12.27
N PRO A 223 -16.95 -11.69 -13.52
CA PRO A 223 -16.43 -12.43 -14.67
C PRO A 223 -14.91 -12.56 -14.70
N ARG A 224 -14.17 -11.62 -14.05
CA ARG A 224 -12.71 -11.69 -14.03
C ARG A 224 -12.18 -11.61 -12.62
N THR A 225 -12.97 -11.99 -11.62
CA THR A 225 -12.57 -11.81 -10.20
C THR A 225 -12.96 -12.99 -9.33
N LEU A 226 -11.94 -13.60 -8.73
CA LEU A 226 -12.07 -14.53 -7.59
C LEU A 226 -11.64 -13.76 -6.35
N VAL A 227 -12.32 -14.00 -5.24
CA VAL A 227 -11.79 -13.60 -3.91
CA VAL A 227 -11.80 -13.61 -3.90
C VAL A 227 -11.13 -14.82 -3.28
N TRP A 228 -9.97 -14.61 -2.68
CA TRP A 228 -9.20 -15.66 -1.99
C TRP A 228 -9.05 -15.27 -0.55
N SER A 229 -9.22 -16.25 0.35
N SER A 229 -9.19 -16.25 0.35
CA SER A 229 -8.96 -16.12 1.79
CA SER A 229 -8.88 -16.11 1.79
C SER A 229 -8.90 -17.51 2.42
C SER A 229 -8.89 -17.50 2.41
N GLU A 230 -8.57 -17.58 3.71
CA GLU A 230 -8.89 -18.80 4.47
C GLU A 230 -10.42 -18.98 4.43
N LYS A 231 -10.86 -20.22 4.58
CA LYS A 231 -12.29 -20.61 4.44
CA LYS A 231 -12.28 -20.61 4.42
C LYS A 231 -13.16 -19.74 5.33
N GLU A 232 -12.70 -19.42 6.53
CA GLU A 232 -13.49 -18.69 7.55
C GLU A 232 -13.92 -17.31 7.03
N GLN A 233 -13.20 -16.73 6.07
CA GLN A 233 -13.46 -15.33 5.63
C GLN A 233 -14.04 -15.28 4.20
N VAL A 234 -14.16 -16.42 3.50
CA VAL A 234 -14.57 -16.37 2.06
C VAL A 234 -15.96 -15.74 1.91
N GLU A 235 -16.95 -16.20 2.67
CA GLU A 235 -18.36 -15.74 2.45
C GLU A 235 -18.46 -14.24 2.74
N LYS A 236 -17.88 -13.80 3.86
CA LYS A 236 -17.91 -12.37 4.23
C LYS A 236 -17.21 -11.54 3.16
N SER A 237 -16.10 -12.04 2.63
CA SER A 237 -15.28 -11.29 1.62
C SER A 237 -16.07 -11.17 0.31
N ALA A 238 -16.67 -12.27 -0.13
CA ALA A 238 -17.43 -12.26 -1.40
C ALA A 238 -18.51 -11.18 -1.37
N TYR A 239 -19.19 -11.04 -0.24
CA TYR A 239 -20.25 -10.01 -0.12
C TYR A 239 -19.59 -8.62 -0.06
N GLU A 240 -18.57 -8.46 0.80
CA GLU A 240 -17.98 -7.12 1.03
C GLU A 240 -17.51 -6.46 -0.26
N PHE A 241 -16.94 -7.25 -1.17
CA PHE A 241 -16.26 -6.78 -2.40
C PHE A 241 -17.08 -7.08 -3.64
N SER A 242 -18.39 -7.23 -3.49
CA SER A 242 -19.29 -7.57 -4.63
C SER A 242 -19.39 -6.43 -5.66
N GLU A 243 -19.02 -5.20 -5.33
CA GLU A 243 -19.06 -4.07 -6.28
C GLU A 243 -17.81 -4.08 -7.17
N THR A 244 -16.87 -5.01 -6.97
CA THR A 244 -15.57 -4.99 -7.71
C THR A 244 -15.77 -4.90 -9.25
N GLU A 245 -16.58 -5.76 -9.86
CA GLU A 245 -16.72 -5.73 -11.34
C GLU A 245 -17.27 -4.37 -11.78
N SER A 246 -18.26 -3.81 -11.08
CA SER A 246 -18.84 -2.49 -11.45
CA SER A 246 -18.83 -2.49 -11.43
C SER A 246 -17.72 -1.44 -11.37
N MET A 247 -16.86 -1.54 -10.37
CA MET A 247 -15.76 -0.55 -10.24
C MET A 247 -14.75 -0.72 -11.38
N LEU A 248 -14.46 -1.95 -11.79
CA LEU A 248 -13.54 -2.23 -12.92
C LEU A 248 -14.10 -1.61 -14.20
N LYS A 249 -15.38 -1.79 -14.46
CA LYS A 249 -16.01 -1.23 -15.68
C LYS A 249 -15.88 0.30 -15.66
N ILE A 250 -16.14 0.94 -14.53
CA ILE A 250 -16.02 2.43 -14.44
C ILE A 250 -14.55 2.82 -14.67
N ALA A 251 -13.61 2.11 -14.02
CA ALA A 251 -12.17 2.39 -14.13
C ALA A 251 -11.74 2.25 -15.59
N GLU A 252 -12.26 1.24 -16.31
CA GLU A 252 -11.93 1.07 -17.76
C GLU A 252 -12.42 2.28 -18.56
N ASP A 253 -13.61 2.78 -18.26
CA ASP A 253 -14.18 3.98 -18.91
C ASP A 253 -13.23 5.15 -18.69
N LEU A 254 -12.66 5.30 -17.49
CA LEU A 254 -11.82 6.47 -17.12
C LEU A 254 -10.40 6.30 -17.66
N GLY A 255 -9.83 5.10 -17.59
CA GLY A 255 -8.37 4.89 -17.80
C GLY A 255 -8.04 4.22 -19.14
N GLY A 256 -9.01 3.63 -19.81
CA GLY A 256 -8.80 2.78 -20.98
C GLY A 256 -8.77 1.31 -20.56
N PRO A 257 -8.47 0.41 -21.51
CA PRO A 257 -8.62 -1.02 -21.29
C PRO A 257 -7.78 -1.50 -20.10
N TYR A 258 -8.39 -2.40 -19.36
CA TYR A 258 -7.69 -3.16 -18.30
C TYR A 258 -6.80 -4.21 -18.99
N VAL A 259 -5.48 -4.15 -18.82
CA VAL A 259 -4.56 -4.95 -19.70
C VAL A 259 -4.12 -6.23 -18.97
N TRP A 260 -4.54 -6.42 -17.73
CA TRP A 260 -3.90 -7.43 -16.85
C TRP A 260 -4.61 -8.79 -16.86
N GLY A 261 -5.73 -8.95 -17.58
CA GLY A 261 -6.40 -10.26 -17.64
C GLY A 261 -7.35 -10.43 -16.44
N GLN A 262 -6.81 -10.92 -15.34
CA GLN A 262 -7.56 -11.25 -14.12
C GLN A 262 -7.52 -10.01 -13.20
N TYR A 263 -8.55 -9.81 -12.39
CA TYR A 263 -8.51 -8.90 -11.21
C TYR A 263 -9.02 -9.68 -10.01
N ASP A 264 -8.14 -10.42 -9.37
CA ASP A 264 -8.51 -11.20 -8.17
C ASP A 264 -8.20 -10.38 -6.91
N LEU A 265 -8.87 -10.76 -5.81
CA LEU A 265 -8.63 -10.15 -4.49
C LEU A 265 -8.15 -11.24 -3.55
N LEU A 266 -7.18 -10.90 -2.73
CA LEU A 266 -6.74 -11.79 -1.64
C LEU A 266 -6.97 -11.04 -0.34
N VAL A 267 -7.67 -11.67 0.60
CA VAL A 267 -7.89 -11.08 1.95
C VAL A 267 -6.87 -11.70 2.88
N LEU A 268 -5.92 -10.88 3.32
CA LEU A 268 -4.75 -11.32 4.11
C LEU A 268 -5.17 -11.54 5.56
N PRO A 269 -4.24 -12.10 6.36
CA PRO A 269 -4.42 -12.13 7.80
C PRO A 269 -4.38 -10.70 8.35
N PRO A 270 -4.87 -10.50 9.58
CA PRO A 270 -4.99 -9.16 10.16
C PRO A 270 -3.71 -8.34 10.29
N SER A 271 -2.54 -8.98 10.29
CA SER A 271 -1.23 -8.30 10.36
C SER A 271 -0.85 -7.64 9.02
N PHE A 272 -1.63 -7.79 7.95
CA PHE A 272 -1.25 -7.09 6.68
C PHE A 272 -1.08 -5.59 6.93
N PRO A 273 0.08 -4.96 6.63
CA PRO A 273 0.37 -3.60 7.13
C PRO A 273 -0.42 -2.43 6.50
N TYR A 274 -0.98 -2.66 5.32
CA TYR A 274 -1.64 -1.61 4.51
C TYR A 274 -3.11 -1.98 4.30
N GLY A 275 -3.93 -1.00 3.94
CA GLY A 275 -5.34 -1.23 3.57
C GLY A 275 -5.43 -2.16 2.36
N GLY A 276 -4.53 -1.93 1.44
CA GLY A 276 -4.44 -2.69 0.20
C GLY A 276 -3.06 -2.57 -0.42
N MET A 277 -2.72 -3.48 -1.33
N MET A 277 -2.72 -3.48 -1.33
CA MET A 277 -1.50 -3.39 -2.15
CA MET A 277 -1.50 -3.39 -2.15
C MET A 277 -1.86 -3.85 -3.57
C MET A 277 -1.86 -3.85 -3.57
N GLU A 278 -1.55 -3.03 -4.56
CA GLU A 278 -2.04 -3.17 -5.95
C GLU A 278 -1.23 -4.21 -6.74
N ASN A 279 -0.95 -5.37 -6.18
CA ASN A 279 -0.18 -6.42 -6.88
C ASN A 279 -0.98 -6.82 -8.11
N PRO A 280 -0.35 -6.81 -9.29
CA PRO A 280 -1.10 -7.01 -10.54
C PRO A 280 -1.70 -8.43 -10.57
N CYS A 281 -2.96 -8.47 -11.00
CA CYS A 281 -3.82 -9.67 -11.11
C CYS A 281 -4.27 -10.16 -9.75
N LEU A 282 -3.70 -9.65 -8.65
CA LEU A 282 -4.03 -10.13 -7.29
C LEU A 282 -3.83 -9.01 -6.28
N THR A 283 -4.82 -8.16 -6.15
CA THR A 283 -4.83 -7.10 -5.11
C THR A 283 -4.84 -7.78 -3.75
N PHE A 284 -3.98 -7.33 -2.84
CA PHE A 284 -3.95 -7.78 -1.44
C PHE A 284 -4.78 -6.78 -0.63
N VAL A 285 -5.66 -7.26 0.24
CA VAL A 285 -6.43 -6.34 1.13
C VAL A 285 -6.39 -6.79 2.58
N THR A 286 -6.52 -5.80 3.47
CA THR A 286 -6.69 -6.00 4.93
C THR A 286 -8.08 -6.56 5.22
N PRO A 287 -8.17 -7.52 6.16
CA PRO A 287 -9.46 -8.01 6.61
C PRO A 287 -10.22 -6.92 7.40
N THR A 288 -9.56 -5.83 7.79
CA THR A 288 -10.26 -4.70 8.45
C THR A 288 -11.23 -4.04 7.45
N LEU A 289 -11.25 -4.39 6.16
CA LEU A 289 -12.32 -3.87 5.26
C LEU A 289 -13.65 -4.58 5.53
N LEU A 290 -13.66 -5.68 6.29
CA LEU A 290 -14.87 -6.53 6.37
C LEU A 290 -15.86 -5.93 7.38
N ALA A 291 -16.44 -4.79 7.02
CA ALA A 291 -17.39 -4.07 7.89
C ALA A 291 -18.78 -4.73 7.87
N GLY A 292 -19.15 -5.50 6.85
CA GLY A 292 -20.46 -6.18 6.72
C GLY A 292 -21.42 -5.40 5.82
N ASP A 293 -21.06 -4.21 5.35
CA ASP A 293 -21.99 -3.33 4.61
C ASP A 293 -21.34 -2.71 3.36
N LYS A 294 -20.12 -3.12 2.99
CA LYS A 294 -19.42 -2.64 1.78
C LYS A 294 -19.02 -1.17 1.94
N SER A 295 -19.03 -0.61 3.16
CA SER A 295 -18.80 0.85 3.33
C SER A 295 -17.34 1.23 3.11
N LEU A 296 -16.39 0.29 3.21
CA LEU A 296 -14.94 0.56 3.07
C LEU A 296 -14.45 0.15 1.67
N SER A 297 -15.36 0.08 0.71
CA SER A 297 -15.05 -0.39 -0.67
C SER A 297 -14.27 0.67 -1.46
N ASN A 298 -14.07 1.89 -0.94
CA ASN A 298 -13.21 2.86 -1.65
C ASN A 298 -11.79 2.29 -1.76
N VAL A 299 -11.38 1.45 -0.80
CA VAL A 299 -10.03 0.86 -0.85
C VAL A 299 -9.93 -0.02 -2.08
N ILE A 300 -11.00 -0.73 -2.40
CA ILE A 300 -11.00 -1.57 -3.63
C ILE A 300 -10.94 -0.63 -4.83
N ALA A 301 -11.73 0.45 -4.84
CA ALA A 301 -11.64 1.42 -5.98
C ALA A 301 -10.20 1.93 -6.14
N HIS A 302 -9.50 2.17 -5.04
CA HIS A 302 -8.11 2.68 -5.05
C HIS A 302 -7.22 1.61 -5.68
N GLU A 303 -7.30 0.37 -5.19
CA GLU A 303 -6.41 -0.70 -5.70
C GLU A 303 -6.69 -0.95 -7.19
N ILE A 304 -7.97 -0.93 -7.58
CA ILE A 304 -8.35 -1.09 -9.01
C ILE A 304 -7.65 0.00 -9.83
N SER A 305 -7.71 1.26 -9.37
CA SER A 305 -7.23 2.46 -10.12
C SER A 305 -5.71 2.32 -10.35
N HIS A 306 -4.97 1.68 -9.44
CA HIS A 306 -3.53 1.42 -9.56
C HIS A 306 -3.23 0.58 -10.80
N SER A 307 -4.17 -0.19 -11.34
CA SER A 307 -3.98 -0.96 -12.59
C SER A 307 -3.63 -0.01 -13.77
N TRP A 308 -3.87 1.29 -13.62
CA TRP A 308 -3.48 2.33 -14.60
C TRP A 308 -2.38 3.22 -13.99
N THR A 309 -2.69 3.90 -12.89
CA THR A 309 -1.80 4.89 -12.25
C THR A 309 -0.97 4.18 -11.19
N GLY A 310 0.25 3.82 -11.56
CA GLY A 310 1.20 3.09 -10.71
C GLY A 310 1.67 1.88 -11.45
N ASN A 311 0.74 1.02 -11.91
CA ASN A 311 1.13 -0.32 -12.47
C ASN A 311 1.44 -0.20 -13.96
N LEU A 312 0.80 0.72 -14.67
CA LEU A 312 1.05 0.99 -16.10
C LEU A 312 1.97 2.20 -16.22
N VAL A 313 1.56 3.34 -15.67
CA VAL A 313 2.45 4.51 -15.51
C VAL A 313 3.05 4.48 -14.11
N THR A 314 4.37 4.38 -14.02
CA THR A 314 5.07 4.10 -12.75
C THR A 314 5.99 5.26 -12.37
N ASN A 315 6.15 5.55 -11.09
CA ASN A 315 7.17 6.51 -10.58
CA ASN A 315 7.17 6.52 -10.61
C ASN A 315 8.58 5.99 -10.94
N LYS A 316 9.42 6.83 -11.52
CA LYS A 316 10.79 6.40 -11.87
C LYS A 316 11.62 6.15 -10.62
N THR A 317 11.40 6.95 -9.58
CA THR A 317 12.07 6.78 -8.28
C THR A 317 11.04 7.09 -7.20
N TRP A 318 11.32 6.70 -5.98
CA TRP A 318 10.41 6.85 -4.83
C TRP A 318 10.25 8.33 -4.48
N ASP A 319 11.16 9.22 -4.89
CA ASP A 319 10.98 10.68 -4.73
C ASP A 319 9.69 11.14 -5.39
N HIS A 320 9.21 10.42 -6.41
CA HIS A 320 8.06 10.84 -7.27
C HIS A 320 6.82 9.96 -7.01
N PHE A 321 6.75 9.35 -5.82
CA PHE A 321 5.68 8.43 -5.40
C PHE A 321 4.31 9.12 -5.48
N TRP A 322 4.24 10.44 -5.28
CA TRP A 322 2.97 11.19 -5.37
C TRP A 322 2.34 10.96 -6.75
N LEU A 323 3.11 10.73 -7.80
CA LEU A 323 2.50 10.50 -9.12
C LEU A 323 1.61 9.26 -9.05
N ASN A 324 2.11 8.20 -8.41
CA ASN A 324 1.37 6.95 -8.21
C ASN A 324 0.12 7.21 -7.37
N GLU A 325 0.27 7.82 -6.20
CA GLU A 325 -0.84 7.87 -5.23
C GLU A 325 -1.79 9.03 -5.51
N GLY A 326 -1.29 10.21 -5.86
CA GLY A 326 -2.19 11.33 -6.17
C GLY A 326 -3.19 10.95 -7.26
N HIS A 327 -2.71 10.45 -8.39
CA HIS A 327 -3.57 10.14 -9.57
C HIS A 327 -4.50 8.97 -9.22
N THR A 328 -4.03 8.05 -8.38
CA THR A 328 -4.85 6.89 -7.97
C THR A 328 -5.99 7.35 -7.05
N VAL A 329 -5.72 8.21 -6.05
CA VAL A 329 -6.79 8.80 -5.20
C VAL A 329 -7.74 9.62 -6.11
N TYR A 330 -7.21 10.29 -7.11
CA TYR A 330 -8.07 11.08 -8.03
C TYR A 330 -9.02 10.12 -8.78
N LEU A 331 -8.51 9.00 -9.29
CA LEU A 331 -9.36 8.03 -10.02
C LEU A 331 -10.34 7.37 -9.04
N GLU A 332 -9.84 6.96 -7.88
CA GLU A 332 -10.64 6.31 -6.81
C GLU A 332 -11.89 7.16 -6.55
N ARG A 333 -11.68 8.46 -6.33
CA ARG A 333 -12.79 9.36 -5.96
C ARG A 333 -13.73 9.58 -7.14
N HIS A 334 -13.24 9.50 -8.38
CA HIS A 334 -14.14 9.49 -9.57
C HIS A 334 -14.96 8.20 -9.65
N ILE A 335 -14.39 7.04 -9.32
CA ILE A 335 -15.16 5.75 -9.30
C ILE A 335 -16.28 5.90 -8.26
N CYS A 336 -15.97 6.36 -7.04
CA CYS A 336 -16.96 6.49 -5.95
C CYS A 336 -17.99 7.55 -6.37
N GLY A 337 -17.58 8.61 -7.06
CA GLY A 337 -18.50 9.64 -7.58
C GLY A 337 -19.42 9.11 -8.64
N ARG A 338 -18.95 8.23 -9.52
CA ARG A 338 -19.82 7.63 -10.57
CA ARG A 338 -19.82 7.63 -10.57
C ARG A 338 -20.84 6.71 -9.90
N LEU A 339 -20.43 5.97 -8.88
CA LEU A 339 -21.36 5.03 -8.19
C LEU A 339 -22.35 5.76 -7.29
N PHE A 340 -21.91 6.75 -6.52
CA PHE A 340 -22.73 7.33 -5.42
C PHE A 340 -23.02 8.81 -5.58
N GLY A 341 -22.51 9.46 -6.62
CA GLY A 341 -22.81 10.86 -6.93
C GLY A 341 -21.66 11.82 -6.70
N GLU A 342 -21.73 12.96 -7.37
CA GLU A 342 -20.71 14.01 -7.31
C GLU A 342 -20.62 14.62 -5.89
N LYS A 343 -21.76 14.77 -5.19
CA LYS A 343 -21.74 15.30 -3.80
C LYS A 343 -20.91 14.35 -2.92
N PHE A 344 -20.97 13.06 -3.20
CA PHE A 344 -20.19 12.06 -2.43
C PHE A 344 -18.72 12.24 -2.80
N ARG A 345 -18.41 12.52 -4.08
CA ARG A 345 -17.00 12.70 -4.46
C ARG A 345 -16.44 13.90 -3.70
N HIS A 346 -17.18 15.00 -3.65
CA HIS A 346 -16.76 16.22 -2.92
C HIS A 346 -16.61 15.92 -1.42
N PHE A 347 -17.53 15.16 -0.83
CA PHE A 347 -17.48 14.76 0.59
C PHE A 347 -16.15 14.07 0.87
N ASN A 348 -15.80 13.08 0.05
CA ASN A 348 -14.54 12.32 0.24
C ASN A 348 -13.35 13.21 0.01
N ALA A 349 -13.41 14.09 -1.00
CA ALA A 349 -12.31 15.01 -1.31
C ALA A 349 -12.06 15.93 -0.11
N LEU A 350 -13.12 16.48 0.49
CA LEU A 350 -12.99 17.40 1.62
C LEU A 350 -12.48 16.63 2.83
N GLY A 351 -12.93 15.41 3.05
CA GLY A 351 -12.35 14.54 4.09
C GLY A 351 -10.85 14.37 3.91
N GLY A 352 -10.39 14.15 2.68
CA GLY A 352 -8.95 14.00 2.42
C GLY A 352 -8.18 15.27 2.73
N TRP A 353 -8.75 16.44 2.46
CA TRP A 353 -8.14 17.72 2.89
C TRP A 353 -7.98 17.71 4.41
N GLY A 354 -8.99 17.27 5.15
CA GLY A 354 -8.88 17.17 6.62
C GLY A 354 -7.76 16.24 7.03
N GLU A 355 -7.60 15.10 6.35
CA GLU A 355 -6.46 14.17 6.63
C GLU A 355 -5.12 14.88 6.35
N LEU A 356 -5.06 15.68 5.29
CA LEU A 356 -3.83 16.45 4.98
C LEU A 356 -3.57 17.47 6.12
N GLN A 357 -4.61 18.16 6.61
CA GLN A 357 -4.47 19.12 7.74
C GLN A 357 -3.87 18.35 8.93
N ASN A 358 -4.37 17.15 9.23
CA ASN A 358 -3.87 16.32 10.36
C ASN A 358 -2.39 15.98 10.17
N SER A 359 -1.99 15.60 8.96
CA SER A 359 -0.59 15.14 8.71
C SER A 359 0.36 16.32 8.91
N VAL A 360 -0.03 17.48 8.41
CA VAL A 360 0.81 18.71 8.45
C VAL A 360 0.92 19.16 9.91
N LYS A 361 -0.17 19.04 10.67
CA LYS A 361 -0.16 19.44 12.08
C LYS A 361 0.74 18.46 12.84
N THR A 362 0.67 17.17 12.55
CA THR A 362 1.47 16.11 13.23
C THR A 362 2.96 16.25 12.90
N PHE A 363 3.32 16.44 11.63
CA PHE A 363 4.73 16.52 11.20
C PHE A 363 5.33 17.89 11.58
N GLY A 364 4.52 18.94 11.52
CA GLY A 364 4.93 20.34 11.52
C GLY A 364 4.96 20.91 10.11
N GLU A 365 4.66 22.19 9.98
CA GLU A 365 4.44 22.85 8.67
C GLU A 365 5.77 23.09 7.93
N THR A 366 6.94 22.88 8.53
CA THR A 366 8.27 22.99 7.85
C THR A 366 8.86 21.59 7.62
N HIS A 367 8.20 20.52 8.07
CA HIS A 367 8.75 19.16 7.97
C HIS A 367 8.90 18.78 6.49
N PRO A 368 10.07 18.26 6.09
CA PRO A 368 10.29 17.84 4.71
C PRO A 368 9.32 16.73 4.22
N PHE A 369 8.79 15.89 5.12
CA PHE A 369 7.78 14.86 4.73
C PHE A 369 6.39 15.46 4.45
N THR A 370 6.21 16.78 4.48
CA THR A 370 4.98 17.45 4.03
C THR A 370 5.15 17.99 2.61
N LYS A 371 6.33 17.82 2.00
CA LYS A 371 6.58 18.17 0.59
C LYS A 371 5.95 17.11 -0.32
N LEU A 372 5.54 17.51 -1.51
CA LEU A 372 4.93 16.61 -2.52
C LEU A 372 6.01 15.81 -3.22
N VAL A 373 7.17 16.41 -3.49
CA VAL A 373 8.38 15.74 -4.05
C VAL A 373 9.46 15.75 -2.97
N VAL A 374 9.92 14.57 -2.56
CA VAL A 374 10.91 14.41 -1.46
C VAL A 374 12.22 13.89 -2.02
N ASP A 375 13.30 14.06 -1.27
CA ASP A 375 14.61 13.47 -1.57
C ASP A 375 14.83 12.36 -0.55
N LEU A 376 14.71 11.10 -0.93
CA LEU A 376 14.84 9.99 0.05
C LEU A 376 16.26 9.45 0.15
N THR A 377 17.26 10.20 -0.33
CA THR A 377 18.66 9.68 -0.40
C THR A 377 19.03 8.87 0.87
N ASP A 378 18.96 9.43 2.05
CA ASP A 378 19.42 8.71 3.26
C ASP A 378 18.24 8.45 4.19
N ILE A 379 17.02 8.36 3.64
CA ILE A 379 15.78 8.11 4.42
C ILE A 379 15.28 6.68 4.12
N ASP A 380 14.98 5.88 5.15
CA ASP A 380 14.25 4.60 4.98
C ASP A 380 12.88 4.91 4.39
N PRO A 381 12.55 4.48 3.15
CA PRO A 381 11.23 4.82 2.60
C PRO A 381 10.08 4.43 3.54
N ASP A 382 10.21 3.34 4.30
CA ASP A 382 9.16 2.93 5.25
C ASP A 382 8.91 3.99 6.32
N VAL A 383 9.95 4.74 6.71
CA VAL A 383 9.83 5.81 7.73
C VAL A 383 9.14 7.03 7.12
N ALA A 384 9.34 7.28 5.83
CA ALA A 384 8.79 8.48 5.15
C ALA A 384 7.30 8.27 4.89
N TYR A 385 6.86 7.02 4.77
CA TYR A 385 5.48 6.68 4.40
C TYR A 385 4.47 7.47 5.26
N SER A 386 3.52 8.14 4.60
CA SER A 386 2.38 8.86 5.20
C SER A 386 1.28 9.12 4.15
N SER A 387 0.25 9.83 4.56
CA SER A 387 -0.91 10.16 3.70
C SER A 387 -0.60 11.41 2.86
N VAL A 388 0.55 12.05 3.08
CA VAL A 388 0.87 13.30 2.36
C VAL A 388 0.88 13.10 0.84
N PRO A 389 1.61 12.13 0.27
CA PRO A 389 1.62 11.97 -1.19
C PRO A 389 0.23 11.68 -1.75
N TYR A 390 -0.60 10.98 -0.97
CA TYR A 390 -2.01 10.69 -1.30
C TYR A 390 -2.82 11.98 -1.39
N GLU A 391 -2.83 12.74 -0.30
CA GLU A 391 -3.79 13.87 -0.13
C GLU A 391 -3.24 15.18 -0.69
N LYS A 392 -1.94 15.46 -0.54
CA LYS A 392 -1.38 16.67 -1.19
C LYS A 392 -1.37 16.42 -2.70
N GLY A 393 -1.16 15.17 -3.11
CA GLY A 393 -1.22 14.80 -4.52
C GLY A 393 -2.61 14.99 -5.06
N PHE A 394 -3.60 14.38 -4.40
CA PHE A 394 -5.01 14.55 -4.79
C PHE A 394 -5.37 16.04 -4.83
N ALA A 395 -4.97 16.82 -3.81
CA ALA A 395 -5.36 18.25 -3.70
C ALA A 395 -4.83 19.04 -4.91
N LEU A 396 -3.62 18.74 -5.37
CA LEU A 396 -3.03 19.41 -6.57
C LEU A 396 -3.88 19.07 -7.79
N LEU A 397 -4.22 17.79 -7.99
CA LEU A 397 -5.03 17.41 -9.17
C LEU A 397 -6.45 17.99 -9.10
N PHE A 398 -7.06 18.05 -7.91
CA PHE A 398 -8.44 18.57 -7.75
C PHE A 398 -8.41 20.09 -8.03
N TYR A 399 -7.37 20.74 -7.59
CA TYR A 399 -7.13 22.19 -7.84
C TYR A 399 -7.00 22.42 -9.36
N LEU A 400 -6.19 21.61 -10.03
CA LEU A 400 -5.99 21.72 -11.51
C LEU A 400 -7.30 21.41 -12.21
N GLU A 401 -8.05 20.39 -11.74
CA GLU A 401 -9.35 20.10 -12.37
C GLU A 401 -10.20 21.38 -12.37
N GLN A 402 -10.28 22.05 -11.21
CA GLN A 402 -11.13 23.27 -11.10
C GLN A 402 -10.56 24.41 -11.97
N LEU A 403 -9.26 24.60 -11.94
CA LEU A 403 -8.59 25.67 -12.71
C LEU A 403 -8.83 25.47 -14.22
N LEU A 404 -8.83 24.23 -14.71
CA LEU A 404 -8.75 23.94 -16.16
C LEU A 404 -10.11 23.62 -16.79
N GLY A 405 -11.22 23.72 -16.04
CA GLY A 405 -12.56 23.68 -16.65
C GLY A 405 -13.43 22.51 -16.21
N GLY A 406 -12.98 21.72 -15.23
CA GLY A 406 -13.86 20.77 -14.53
C GLY A 406 -13.49 19.31 -14.78
N PRO A 407 -14.24 18.37 -14.15
CA PRO A 407 -13.84 16.96 -14.15
C PRO A 407 -13.87 16.28 -15.53
N GLU A 408 -14.83 16.61 -16.40
CA GLU A 408 -14.86 16.03 -17.77
C GLU A 408 -13.54 16.36 -18.49
N ILE A 409 -13.12 17.62 -18.45
CA ILE A 409 -11.87 18.08 -19.13
C ILE A 409 -10.66 17.39 -18.50
N PHE A 410 -10.57 17.35 -17.18
CA PHE A 410 -9.36 16.84 -16.51
C PHE A 410 -9.29 15.32 -16.69
N LEU A 411 -10.43 14.64 -16.76
CA LEU A 411 -10.46 13.17 -17.03
C LEU A 411 -9.91 12.90 -18.44
N GLY A 412 -10.13 13.80 -19.40
CA GLY A 412 -9.51 13.66 -20.75
C GLY A 412 -7.99 13.69 -20.64
N PHE A 413 -7.45 14.60 -19.82
CA PHE A 413 -6.01 14.66 -19.53
C PHE A 413 -5.56 13.34 -18.91
N LEU A 414 -6.28 12.83 -17.91
N LEU A 414 -6.26 12.85 -17.88
CA LEU A 414 -5.82 11.61 -17.19
CA LEU A 414 -5.84 11.61 -17.15
C LEU A 414 -5.72 10.42 -18.16
C LEU A 414 -5.75 10.42 -18.13
N LYS A 415 -6.72 10.24 -19.02
CA LYS A 415 -6.73 9.09 -19.95
C LYS A 415 -5.56 9.24 -20.95
N ALA A 416 -5.35 10.46 -21.45
CA ALA A 416 -4.25 10.78 -22.38
C ALA A 416 -2.90 10.51 -21.70
N TYR A 417 -2.78 10.86 -20.42
CA TYR A 417 -1.55 10.69 -19.61
C TYR A 417 -1.22 9.20 -19.47
N VAL A 418 -2.23 8.40 -19.13
CA VAL A 418 -2.06 6.93 -18.97
C VAL A 418 -1.64 6.33 -20.32
N GLU A 419 -2.23 6.78 -21.42
CA GLU A 419 -1.89 6.21 -22.76
C GLU A 419 -0.45 6.62 -23.11
N LYS A 420 -0.09 7.87 -22.88
CA LYS A 420 1.26 8.42 -23.19
C LYS A 420 2.35 7.60 -22.48
N PHE A 421 2.17 7.32 -21.20
CA PHE A 421 3.26 6.79 -20.34
C PHE A 421 3.02 5.33 -19.96
N SER A 422 2.11 4.64 -20.62
CA SER A 422 1.87 3.20 -20.37
C SER A 422 3.18 2.43 -20.55
N TYR A 423 3.49 1.57 -19.57
CA TYR A 423 4.67 0.67 -19.59
C TYR A 423 5.96 1.45 -19.36
N LYS A 424 5.87 2.69 -18.89
CA LYS A 424 7.05 3.55 -18.65
C LYS A 424 7.13 3.94 -17.18
N SER A 425 8.28 4.46 -16.79
CA SER A 425 8.56 5.00 -15.45
C SER A 425 8.96 6.47 -15.64
N ILE A 426 8.31 7.37 -14.93
CA ILE A 426 8.37 8.83 -15.17
C ILE A 426 8.64 9.59 -13.87
N THR A 427 9.07 10.84 -14.06
CA THR A 427 9.28 11.81 -12.98
C THR A 427 8.19 12.87 -12.97
N THR A 428 8.22 13.71 -11.95
CA THR A 428 7.29 14.86 -11.85
C THR A 428 7.46 15.76 -13.08
N ASP A 429 8.70 15.96 -13.54
CA ASP A 429 8.97 16.85 -14.70
C ASP A 429 8.34 16.27 -15.95
N ASP A 430 8.40 14.95 -16.14
CA ASP A 430 7.71 14.28 -17.28
C ASP A 430 6.22 14.55 -17.20
N TRP A 431 5.63 14.37 -16.01
CA TRP A 431 4.17 14.64 -15.83
C TRP A 431 3.84 16.09 -16.18
N LYS A 432 4.61 17.05 -15.65
CA LYS A 432 4.32 18.48 -15.80
C LYS A 432 4.45 18.87 -17.27
N ASP A 433 5.48 18.36 -17.97
N ASP A 433 5.45 18.34 -17.95
CA ASP A 433 5.71 18.63 -19.42
CA ASP A 433 5.68 18.64 -19.39
C ASP A 433 4.49 18.16 -20.22
C ASP A 433 4.48 18.17 -20.22
N PHE A 434 4.00 16.95 -19.94
CA PHE A 434 2.82 16.41 -20.64
C PHE A 434 1.58 17.24 -20.27
N LEU A 435 1.40 17.61 -18.99
CA LEU A 435 0.26 18.47 -18.59
C LEU A 435 0.26 19.72 -19.47
N TYR A 436 1.43 20.38 -19.59
CA TYR A 436 1.59 21.64 -20.38
C TYR A 436 1.32 21.38 -21.86
N SER A 437 1.76 20.24 -22.38
CA SER A 437 1.52 19.87 -23.80
C SER A 437 0.02 19.65 -24.03
N TYR A 438 -0.59 18.80 -23.20
CA TYR A 438 -2.03 18.50 -23.33
C TYR A 438 -2.85 19.80 -23.27
N PHE A 439 -2.56 20.66 -22.30
CA PHE A 439 -3.31 21.92 -22.05
C PHE A 439 -2.60 23.11 -22.71
N LYS A 440 -2.04 22.93 -23.91
CA LYS A 440 -1.28 23.98 -24.67
C LYS A 440 -2.12 25.25 -24.78
N ASP A 441 -3.44 25.14 -24.92
CA ASP A 441 -4.38 26.28 -25.10
C ASP A 441 -4.74 26.92 -23.75
N LYS A 442 -4.22 26.42 -22.64
CA LYS A 442 -4.51 26.96 -21.28
C LYS A 442 -3.19 27.16 -20.53
N VAL A 443 -2.09 27.38 -21.24
CA VAL A 443 -0.77 27.53 -20.57
C VAL A 443 -0.79 28.79 -19.70
N ASP A 444 -1.58 29.80 -20.06
CA ASP A 444 -1.70 31.06 -19.28
C ASP A 444 -2.23 30.71 -17.88
N VAL A 445 -3.23 29.83 -17.85
CA VAL A 445 -3.85 29.32 -16.60
C VAL A 445 -2.80 28.52 -15.83
N LEU A 446 -2.12 27.57 -16.49
CA LEU A 446 -1.10 26.73 -15.81
C LEU A 446 0.01 27.60 -15.24
N ASN A 447 0.36 28.73 -15.87
CA ASN A 447 1.45 29.61 -15.36
C ASN A 447 1.00 30.41 -14.13
N GLN A 448 -0.30 30.42 -13.81
CA GLN A 448 -0.84 30.98 -12.55
C GLN A 448 -0.56 30.02 -11.39
N VAL A 449 -0.21 28.76 -11.64
CA VAL A 449 0.02 27.81 -10.52
C VAL A 449 1.35 28.11 -9.84
N ASP A 450 1.37 28.12 -8.52
CA ASP A 450 2.65 28.27 -7.79
C ASP A 450 3.30 26.87 -7.70
N TRP A 451 3.94 26.47 -8.78
CA TRP A 451 4.51 25.13 -8.96
C TRP A 451 5.55 24.88 -7.87
N ASN A 452 6.41 25.86 -7.60
CA ASN A 452 7.47 25.71 -6.58
C ASN A 452 6.87 25.40 -5.21
N ALA A 453 5.79 26.08 -4.83
CA ALA A 453 5.11 25.88 -3.53
C ALA A 453 4.47 24.48 -3.52
N TRP A 454 3.66 24.18 -4.52
CA TRP A 454 2.89 22.91 -4.59
C TRP A 454 3.84 21.70 -4.55
N LEU A 455 4.87 21.67 -5.39
CA LEU A 455 5.73 20.48 -5.55
C LEU A 455 6.80 20.41 -4.48
N TYR A 456 7.38 21.55 -4.03
CA TYR A 456 8.69 21.53 -3.30
C TYR A 456 8.65 22.24 -1.95
N SER A 457 7.55 22.89 -1.57
CA SER A 457 7.44 23.58 -0.27
C SER A 457 6.74 22.67 0.72
N PRO A 458 7.19 22.67 2.00
CA PRO A 458 6.43 22.00 3.06
C PRO A 458 5.13 22.73 3.43
N GLY A 459 4.31 22.04 4.21
CA GLY A 459 3.09 22.57 4.82
C GLY A 459 1.86 22.38 3.93
N LEU A 460 0.77 23.05 4.29
CA LEU A 460 -0.46 22.99 3.49
C LEU A 460 -0.19 23.64 2.14
N PRO A 461 -0.86 23.18 1.08
CA PRO A 461 -0.72 23.78 -0.23
C PRO A 461 -1.08 25.26 -0.18
N PRO A 462 -0.63 26.07 -1.15
CA PRO A 462 -0.87 27.52 -1.08
C PRO A 462 -2.31 27.91 -1.40
N ILE A 463 -3.07 27.02 -2.00
CA ILE A 463 -4.49 27.28 -2.30
CA ILE A 463 -4.49 27.26 -2.38
C ILE A 463 -5.32 26.05 -1.94
N LYS A 464 -6.50 26.28 -1.40
CA LYS A 464 -7.44 25.20 -1.04
C LYS A 464 -8.47 25.15 -2.14
N PRO A 465 -8.73 23.97 -2.74
CA PRO A 465 -9.83 23.87 -3.69
C PRO A 465 -11.21 24.24 -3.13
N ASN A 466 -12.18 24.37 -4.03
CA ASN A 466 -13.61 24.56 -3.66
C ASN A 466 -14.26 23.21 -3.46
N TYR A 467 -14.94 23.04 -2.34
CA TYR A 467 -15.67 21.77 -2.07
C TYR A 467 -17.14 22.05 -1.80
N ASP A 468 -18.01 21.29 -2.45
CA ASP A 468 -19.44 21.13 -2.07
C ASP A 468 -19.51 20.63 -0.63
N MET A 469 -20.41 21.23 0.16
CA MET A 469 -20.50 21.00 1.62
C MET A 469 -21.70 20.15 1.95
N THR A 470 -22.54 19.80 0.97
CA THR A 470 -23.87 19.24 1.24
C THR A 470 -23.83 18.08 2.24
N LEU A 471 -22.98 17.07 2.04
CA LEU A 471 -22.98 15.87 2.92
C LEU A 471 -22.16 16.13 4.19
N THR A 472 -21.33 17.16 4.18
CA THR A 472 -20.39 17.41 5.30
C THR A 472 -21.11 18.25 6.38
N ASN A 473 -22.04 19.10 5.98
CA ASN A 473 -22.72 20.04 6.91
C ASN A 473 -23.26 19.33 8.16
N ALA A 474 -23.97 18.21 8.05
CA ALA A 474 -24.60 17.57 9.21
C ALA A 474 -23.49 17.09 10.14
N CYS A 475 -22.36 16.67 9.62
CA CYS A 475 -21.23 16.13 10.43
C CYS A 475 -20.59 17.25 11.23
N ILE A 476 -20.35 18.39 10.59
CA ILE A 476 -19.81 19.60 11.26
C ILE A 476 -20.83 20.08 12.29
N ALA A 477 -22.10 20.16 11.96
CA ALA A 477 -23.12 20.68 12.90
C ALA A 477 -23.13 19.81 14.16
N LEU A 478 -23.17 18.48 14.04
CA LEU A 478 -23.19 17.62 15.25
C LEU A 478 -21.88 17.72 16.03
N SER A 479 -20.73 17.75 15.36
CA SER A 479 -19.40 17.89 15.99
C SER A 479 -19.39 19.18 16.82
N GLN A 480 -19.82 20.28 16.22
CA GLN A 480 -19.87 21.60 16.88
C GLN A 480 -20.83 21.57 18.08
N ARG A 481 -21.95 20.86 18.00
CA ARG A 481 -22.89 20.79 19.15
C ARG A 481 -22.16 20.15 20.33
N TRP A 482 -21.41 19.09 20.10
CA TRP A 482 -20.69 18.39 21.19
C TRP A 482 -19.55 19.26 21.71
N ILE A 483 -18.78 19.92 20.83
CA ILE A 483 -17.60 20.72 21.27
C ILE A 483 -18.07 21.91 22.09
N THR A 484 -19.18 22.55 21.73
CA THR A 484 -19.71 23.75 22.39
C THR A 484 -20.62 23.40 23.56
N ALA A 485 -20.97 22.13 23.73
CA ALA A 485 -21.85 21.67 24.82
C ALA A 485 -21.18 21.90 26.18
N LYS A 486 -21.97 22.34 27.16
CA LYS A 486 -21.55 22.30 28.58
C LYS A 486 -22.30 21.18 29.27
N GLU A 487 -21.99 20.93 30.53
CA GLU A 487 -22.60 19.82 31.28
C GLU A 487 -24.13 19.90 31.17
N ASP A 488 -24.71 21.09 31.30
CA ASP A 488 -26.19 21.23 31.31
C ASP A 488 -26.80 20.99 29.93
N ASP A 489 -25.98 20.80 28.89
CA ASP A 489 -26.45 20.48 27.53
C ASP A 489 -26.36 18.99 27.22
N LEU A 490 -25.69 18.18 28.03
CA LEU A 490 -25.44 16.78 27.66
C LEU A 490 -26.74 15.97 27.53
N ASN A 491 -27.80 16.29 28.29
CA ASN A 491 -29.02 15.46 28.27
C ASN A 491 -29.84 15.78 27.01
N SER A 492 -29.45 16.80 26.24
CA SER A 492 -30.07 17.15 24.94
C SER A 492 -29.60 16.19 23.84
N PHE A 493 -28.52 15.42 24.04
CA PHE A 493 -28.09 14.48 22.99
C PHE A 493 -28.85 13.16 23.14
N ASN A 494 -29.11 12.51 22.01
N ASN A 494 -29.04 12.47 22.04
CA ASN A 494 -30.00 11.32 21.92
CA ASN A 494 -29.84 11.22 22.05
C ASN A 494 -29.58 10.48 20.70
C ASN A 494 -29.57 10.46 20.73
N ALA A 495 -29.86 9.17 20.74
CA ALA A 495 -29.65 8.26 19.59
C ALA A 495 -30.26 8.84 18.30
N THR A 496 -31.30 9.67 18.34
CA THR A 496 -31.91 10.24 17.11
C THR A 496 -30.96 11.19 16.39
N ASP A 497 -29.93 11.74 17.07
CA ASP A 497 -28.97 12.64 16.40
C ASP A 497 -28.35 11.91 15.19
N LEU A 498 -28.24 10.59 15.23
CA LEU A 498 -27.50 9.82 14.18
C LEU A 498 -28.45 9.33 13.08
N LYS A 499 -29.76 9.53 13.20
CA LYS A 499 -30.71 8.69 12.40
C LYS A 499 -30.54 8.97 10.91
N ASP A 500 -30.14 10.17 10.49
CA ASP A 500 -30.03 10.50 9.05
C ASP A 500 -28.56 10.43 8.58
N LEU A 501 -27.65 9.87 9.39
CA LEU A 501 -26.20 9.87 9.03
C LEU A 501 -25.83 8.50 8.45
N SER A 502 -25.16 8.49 7.31
CA SER A 502 -24.53 7.26 6.76
C SER A 502 -23.36 6.86 7.66
N SER A 503 -22.82 5.66 7.46
CA SER A 503 -21.56 5.27 8.15
C SER A 503 -20.46 6.27 7.79
N HIS A 504 -20.42 6.76 6.55
CA HIS A 504 -19.40 7.74 6.08
C HIS A 504 -19.53 9.02 6.91
N GLN A 505 -20.76 9.48 7.12
CA GLN A 505 -21.02 10.73 7.87
C GLN A 505 -20.70 10.51 9.35
N LEU A 506 -20.97 9.33 9.90
CA LEU A 506 -20.60 9.04 11.30
C LEU A 506 -19.07 9.14 11.44
N ASN A 507 -18.37 8.53 10.51
CA ASN A 507 -16.89 8.56 10.51
C ASN A 507 -16.40 10.00 10.45
N GLU A 508 -17.01 10.83 9.60
CA GLU A 508 -16.57 12.22 9.44
C GLU A 508 -16.91 13.05 10.68
N PHE A 509 -18.06 12.81 11.29
CA PHE A 509 -18.40 13.40 12.60
C PHE A 509 -17.27 13.10 13.58
N LEU A 510 -16.88 11.85 13.68
CA LEU A 510 -15.80 11.47 14.62
C LEU A 510 -14.50 12.14 14.19
N ALA A 511 -14.21 12.25 12.89
CA ALA A 511 -12.94 12.86 12.43
C ALA A 511 -12.92 14.33 12.80
N GLN A 512 -14.04 15.03 12.59
CA GLN A 512 -14.17 16.47 12.92
C GLN A 512 -13.91 16.63 14.42
N THR A 513 -14.50 15.76 15.20
CA THR A 513 -14.47 15.87 16.67
C THR A 513 -13.05 15.56 17.15
N LEU A 514 -12.44 14.52 16.59
CA LEU A 514 -11.05 14.12 16.95
C LEU A 514 -10.06 15.26 16.66
N GLN A 515 -10.30 16.09 15.64
CA GLN A 515 -9.46 17.27 15.34
C GLN A 515 -9.47 18.28 16.50
N ARG A 516 -10.46 18.24 17.39
CA ARG A 516 -10.57 19.16 18.55
C ARG A 516 -10.35 18.41 19.87
N ALA A 517 -9.89 17.16 19.83
CA ALA A 517 -9.69 16.36 21.04
C ALA A 517 -8.54 16.95 21.86
N PRO A 518 -8.55 16.83 23.20
CA PRO A 518 -9.61 16.12 23.94
C PRO A 518 -10.90 16.89 24.09
N LEU A 519 -11.99 16.16 24.33
CA LEU A 519 -13.22 16.68 24.92
C LEU A 519 -13.27 16.29 26.40
N PRO A 520 -14.13 16.95 27.21
CA PRO A 520 -14.26 16.55 28.61
C PRO A 520 -14.66 15.08 28.73
N LEU A 521 -14.18 14.41 29.77
CA LEU A 521 -14.47 12.99 29.97
C LEU A 521 -15.98 12.76 30.06
N GLY A 522 -16.72 13.65 30.72
CA GLY A 522 -18.19 13.52 30.82
C GLY A 522 -18.89 13.59 29.47
N HIS A 523 -18.36 14.37 28.53
CA HIS A 523 -18.89 14.39 27.14
C HIS A 523 -18.70 13.02 26.49
N ILE A 524 -17.51 12.46 26.59
CA ILE A 524 -17.18 11.15 25.96
C ILE A 524 -18.05 10.05 26.58
N LYS A 525 -18.22 10.05 27.90
CA LYS A 525 -19.08 9.04 28.55
C LYS A 525 -20.52 9.17 28.05
N ARG A 526 -20.99 10.40 27.89
CA ARG A 526 -22.37 10.63 27.41
C ARG A 526 -22.49 10.12 25.98
N MET A 527 -21.45 10.33 25.15
CA MET A 527 -21.47 9.87 23.75
C MET A 527 -21.68 8.36 23.71
N GLN A 528 -20.98 7.63 24.57
CA GLN A 528 -21.12 6.16 24.66
C GLN A 528 -22.56 5.84 25.12
N GLU A 529 -23.08 6.61 26.07
CA GLU A 529 -24.40 6.34 26.67
C GLU A 529 -25.46 6.47 25.57
N VAL A 530 -25.40 7.49 24.72
CA VAL A 530 -26.52 7.76 23.75
C VAL A 530 -26.23 7.13 22.38
N TYR A 531 -24.98 6.91 21.98
CA TYR A 531 -24.69 6.44 20.60
C TYR A 531 -24.18 4.99 20.58
N ASN A 532 -23.72 4.46 21.70
CA ASN A 532 -23.18 3.08 21.82
C ASN A 532 -22.11 2.85 20.72
N PHE A 533 -21.14 3.75 20.59
CA PHE A 533 -20.05 3.59 19.61
C PHE A 533 -19.20 2.37 19.96
N ASN A 534 -19.13 1.94 21.24
CA ASN A 534 -18.39 0.71 21.60
C ASN A 534 -18.91 -0.52 20.83
N ALA A 535 -20.14 -0.52 20.34
CA ALA A 535 -20.76 -1.66 19.65
C ALA A 535 -20.37 -1.66 18.17
N ILE A 536 -19.78 -0.58 17.64
CA ILE A 536 -19.58 -0.51 16.16
C ILE A 536 -18.32 -1.32 15.80
N ASN A 537 -18.41 -2.17 14.79
CA ASN A 537 -17.25 -3.01 14.36
C ASN A 537 -16.54 -2.41 13.15
N ASN A 538 -17.17 -1.48 12.44
CA ASN A 538 -16.53 -0.74 11.32
C ASN A 538 -15.15 -0.24 11.79
N SER A 539 -14.04 -0.68 11.17
CA SER A 539 -12.67 -0.42 11.68
CA SER A 539 -12.68 -0.41 11.71
C SER A 539 -12.36 1.09 11.67
N GLU A 540 -12.82 1.81 10.67
CA GLU A 540 -12.51 3.26 10.56
C GLU A 540 -13.20 4.01 11.69
N ILE A 541 -14.48 3.72 11.88
CA ILE A 541 -15.26 4.40 12.95
C ILE A 541 -14.66 4.00 14.31
N ARG A 542 -14.46 2.71 14.54
CA ARG A 542 -13.97 2.27 15.87
C ARG A 542 -12.61 2.89 16.16
N PHE A 543 -11.70 2.92 15.18
CA PHE A 543 -10.38 3.55 15.32
C PHE A 543 -10.53 5.00 15.80
N ARG A 544 -11.35 5.79 15.12
CA ARG A 544 -11.43 7.22 15.47
C ARG A 544 -12.12 7.37 16.85
N TRP A 545 -13.15 6.57 17.13
CA TRP A 545 -13.82 6.59 18.44
C TRP A 545 -12.81 6.25 19.53
N LEU A 546 -12.04 5.19 19.38
CA LEU A 546 -11.11 4.81 20.47
C LEU A 546 -9.99 5.86 20.63
N ARG A 547 -9.53 6.46 19.56
CA ARG A 547 -8.56 7.58 19.65
C ARG A 547 -9.19 8.72 20.46
N LEU A 548 -10.45 9.04 20.16
CA LEU A 548 -11.14 10.14 20.85
C LEU A 548 -11.20 9.77 22.34
N CYS A 549 -11.52 8.53 22.68
CA CYS A 549 -11.66 8.11 24.10
C CYS A 549 -10.31 8.20 24.84
N ILE A 550 -9.25 7.72 24.22
CA ILE A 550 -7.91 7.66 24.85
C ILE A 550 -7.36 9.09 24.98
N GLN A 551 -7.54 9.94 23.97
CA GLN A 551 -7.02 11.31 24.01
C GLN A 551 -7.81 12.09 25.06
N SER A 552 -9.07 11.71 25.30
CA SER A 552 -9.96 12.32 26.31
C SER A 552 -9.78 11.63 27.66
N LYS A 553 -8.84 10.67 27.79
CA LYS A 553 -8.35 10.11 29.08
CA LYS A 553 -8.35 10.14 29.10
C LYS A 553 -9.42 9.24 29.74
N TRP A 554 -10.22 8.53 28.93
CA TRP A 554 -11.19 7.54 29.45
C TRP A 554 -10.47 6.21 29.68
N GLU A 555 -10.27 5.82 30.93
CA GLU A 555 -9.51 4.60 31.30
C GLU A 555 -10.26 3.34 30.84
N ASP A 556 -11.58 3.36 30.79
CA ASP A 556 -12.43 2.21 30.33
C ASP A 556 -12.06 1.85 28.88
N ALA A 557 -11.58 2.80 28.07
CA ALA A 557 -11.25 2.58 26.65
C ALA A 557 -9.89 1.89 26.49
N ILE A 558 -9.07 1.87 27.53
CA ILE A 558 -7.68 1.36 27.41
C ILE A 558 -7.70 -0.08 26.90
N PRO A 559 -8.45 -1.04 27.52
CA PRO A 559 -8.47 -2.42 27.03
C PRO A 559 -8.98 -2.56 25.58
N LEU A 560 -9.96 -1.74 25.19
CA LEU A 560 -10.53 -1.73 23.81
C LEU A 560 -9.45 -1.29 22.83
N ALA A 561 -8.70 -0.22 23.14
CA ALA A 561 -7.65 0.31 22.24
C ALA A 561 -6.45 -0.67 22.15
N LEU A 562 -6.01 -1.25 23.27
CA LEU A 562 -4.93 -2.27 23.26
C LEU A 562 -5.37 -3.44 22.38
N LYS A 563 -6.63 -3.87 22.52
CA LYS A 563 -7.14 -5.02 21.78
C LYS A 563 -7.14 -4.66 20.29
N MET A 564 -7.67 -3.50 19.92
CA MET A 564 -7.71 -3.14 18.48
C MET A 564 -6.28 -2.97 17.96
N ALA A 565 -5.36 -2.45 18.74
CA ALA A 565 -3.97 -2.17 18.28
C ALA A 565 -3.23 -3.50 18.00
N THR A 566 -3.58 -4.57 18.72
CA THR A 566 -2.84 -5.86 18.65
C THR A 566 -3.59 -6.97 17.88
N GLU A 567 -4.90 -6.93 17.74
N GLU A 567 -4.91 -6.91 17.75
CA GLU A 567 -5.65 -8.02 17.08
CA GLU A 567 -5.73 -7.98 17.10
C GLU A 567 -5.63 -7.81 15.56
C GLU A 567 -5.66 -7.80 15.57
N GLN A 568 -5.26 -6.62 15.11
CA GLN A 568 -4.96 -6.34 13.69
C GLN A 568 -3.68 -5.54 13.64
N GLY A 569 -3.08 -5.42 12.45
CA GLY A 569 -1.78 -4.74 12.26
C GLY A 569 -1.77 -3.75 11.12
N ARG A 570 -2.92 -3.27 10.68
CA ARG A 570 -2.93 -2.23 9.63
C ARG A 570 -2.33 -0.98 10.25
N MET A 571 -1.20 -0.53 9.70
CA MET A 571 -0.39 0.55 10.32
C MET A 571 -1.21 1.83 10.54
N LYS A 572 -2.12 2.16 9.63
CA LYS A 572 -3.07 3.29 9.72
C LYS A 572 -3.75 3.32 11.10
N PHE A 573 -4.06 2.14 11.66
CA PHE A 573 -4.77 2.01 12.94
C PHE A 573 -3.76 1.72 14.08
N THR A 574 -2.94 0.70 13.88
CA THR A 574 -2.03 0.22 14.96
C THR A 574 -1.08 1.35 15.41
N ARG A 575 -0.52 2.13 14.50
CA ARG A 575 0.52 3.11 14.89
C ARG A 575 -0.11 4.21 15.73
N PRO A 576 -1.17 4.90 15.28
CA PRO A 576 -1.75 5.95 16.10
C PRO A 576 -2.34 5.41 17.41
N LEU A 577 -2.87 4.19 17.40
CA LEU A 577 -3.47 3.67 18.66
C LEU A 577 -2.34 3.48 19.67
N PHE A 578 -1.24 2.86 19.25
CA PHE A 578 -0.07 2.70 20.17
C PHE A 578 0.42 4.06 20.67
N LYS A 579 0.51 5.05 19.79
CA LYS A 579 1.07 6.37 20.13
C LYS A 579 0.14 7.06 21.13
N ASP A 580 -1.18 6.98 20.89
CA ASP A 580 -2.18 7.53 21.84
C ASP A 580 -2.07 6.84 23.20
N LEU A 581 -2.00 5.50 23.23
CA LEU A 581 -1.88 4.74 24.51
C LEU A 581 -0.56 5.05 25.20
N ALA A 582 0.53 5.26 24.47
CA ALA A 582 1.84 5.67 25.06
C ALA A 582 1.76 7.09 25.65
N ALA A 583 1.01 8.01 25.05
CA ALA A 583 0.92 9.44 25.48
C ALA A 583 -0.01 9.57 26.69
N PHE A 584 -0.87 8.59 26.96
CA PHE A 584 -1.78 8.59 28.13
C PHE A 584 -1.04 7.94 29.31
N ASP A 585 -0.77 8.69 30.39
CA ASP A 585 0.02 8.14 31.51
C ASP A 585 -0.60 6.85 32.06
N LYS A 586 -1.92 6.74 32.10
CA LYS A 586 -2.62 5.57 32.67
C LYS A 586 -2.36 4.32 31.83
N SER A 587 -2.05 4.45 30.52
CA SER A 587 -1.90 3.28 29.63
C SER A 587 -0.43 3.13 29.19
N HIS A 588 0.41 4.10 29.50
CA HIS A 588 1.79 4.17 28.94
C HIS A 588 2.50 2.83 29.14
N ASP A 589 2.57 2.35 30.37
CA ASP A 589 3.36 1.11 30.63
C ASP A 589 2.70 -0.07 29.91
N GLN A 590 1.37 -0.16 29.89
CA GLN A 590 0.66 -1.27 29.21
C GLN A 590 0.97 -1.26 27.70
N ALA A 591 1.04 -0.08 27.10
CA ALA A 591 1.34 0.07 25.65
C ALA A 591 2.70 -0.54 25.35
N VAL A 592 3.71 -0.10 26.09
CA VAL A 592 5.10 -0.57 25.91
C VAL A 592 5.18 -2.07 26.16
N ARG A 593 4.60 -2.57 27.26
N ARG A 593 4.60 -2.57 27.26
CA ARG A 593 4.63 -4.01 27.60
CA ARG A 593 4.63 -4.01 27.61
C ARG A 593 3.93 -4.81 26.50
C ARG A 593 3.93 -4.81 26.50
N THR A 594 2.80 -4.33 26.01
CA THR A 594 2.01 -5.06 24.99
C THR A 594 2.83 -5.12 23.69
N TYR A 595 3.42 -4.01 23.29
CA TYR A 595 4.28 -3.98 22.10
C TYR A 595 5.38 -5.04 22.29
N GLN A 596 6.09 -5.01 23.42
CA GLN A 596 7.23 -5.95 23.66
C GLN A 596 6.74 -7.40 23.56
N GLU A 597 5.57 -7.72 24.10
CA GLU A 597 5.02 -9.10 24.12
C GLU A 597 4.61 -9.56 22.71
N HIS A 598 4.10 -8.65 21.88
CA HIS A 598 3.57 -8.94 20.52
C HIS A 598 4.65 -8.82 19.44
N LYS A 599 5.79 -8.19 19.73
CA LYS A 599 6.80 -7.77 18.72
C LYS A 599 7.20 -8.96 17.81
N ALA A 600 7.46 -10.13 18.40
CA ALA A 600 7.99 -11.32 17.67
C ALA A 600 6.96 -11.86 16.67
N SER A 601 5.66 -11.67 16.97
N SER A 601 5.66 -11.67 16.94
CA SER A 601 4.48 -12.12 16.20
CA SER A 601 4.54 -12.16 16.12
C SER A 601 4.07 -11.08 15.15
C SER A 601 4.04 -11.07 15.16
N MET A 602 4.68 -9.88 15.14
CA MET A 602 4.23 -8.77 14.25
C MET A 602 4.91 -8.86 12.87
N HIS A 603 4.34 -8.17 11.89
CA HIS A 603 4.97 -7.93 10.58
C HIS A 603 6.26 -7.18 10.84
N PRO A 604 7.38 -7.54 10.16
CA PRO A 604 8.67 -6.91 10.52
C PRO A 604 8.73 -5.39 10.33
N VAL A 605 8.01 -4.85 9.35
CA VAL A 605 8.05 -3.41 9.06
C VAL A 605 7.19 -2.71 10.12
N THR A 606 5.98 -3.24 10.38
CA THR A 606 5.13 -2.71 11.47
C THR A 606 5.92 -2.71 12.78
N ALA A 607 6.59 -3.81 13.12
CA ALA A 607 7.33 -3.95 14.38
C ALA A 607 8.35 -2.83 14.47
N MET A 608 9.06 -2.59 13.36
CA MET A 608 10.15 -1.58 13.35
C MET A 608 9.52 -0.20 13.61
N LEU A 609 8.42 0.11 12.94
CA LEU A 609 7.87 1.48 12.98
C LEU A 609 7.17 1.73 14.32
N VAL A 610 6.47 0.74 14.86
CA VAL A 610 5.82 0.90 16.18
C VAL A 610 6.95 1.11 17.21
N GLY A 611 8.05 0.39 17.11
CA GLY A 611 9.23 0.54 17.99
C GLY A 611 9.77 1.96 17.95
N LYS A 612 9.91 2.54 16.76
N LYS A 612 9.92 2.54 16.75
CA LYS A 612 10.38 3.94 16.60
CA LYS A 612 10.37 3.94 16.56
C LYS A 612 9.35 4.89 17.20
C LYS A 612 9.35 4.89 17.20
N ASP A 613 8.05 4.69 16.93
CA ASP A 613 6.98 5.55 17.48
C ASP A 613 7.04 5.56 19.00
N LEU A 614 7.24 4.41 19.63
CA LEU A 614 7.19 4.25 21.11
C LEU A 614 8.55 4.55 21.76
N LYS A 615 9.60 4.77 20.94
CA LYS A 615 11.03 4.92 21.38
C LYS A 615 11.46 3.71 22.20
N VAL A 616 11.11 2.51 21.73
CA VAL A 616 11.38 1.18 22.36
C VAL A 616 12.26 0.44 21.36
N ASP A 617 13.48 0.08 21.75
CA ASP A 617 14.46 -0.53 20.81
C ASP A 617 14.44 -2.04 21.01
#